data_4YB9
#
_entry.id   4YB9
#
_cell.length_a   74.610
_cell.length_b   112.150
_cell.length_c   139.570
_cell.angle_alpha   90.00
_cell.angle_beta   90.00
_cell.angle_gamma   90.00
#
_symmetry.space_group_name_H-M   'P 21 21 21'
#
_entity_poly.entity_id   1
_entity_poly.type   'polypeptide(L)'
_entity_poly.pdbx_seq_one_letter_code
;MEPQDPVKREGRLTPVIVLATLIAAFGSSFQYGYNVAAINSPSEFMKDFYAYTYYDRVGEYMNEFYLTLLWSVTVSMFPF
GGFLGSLMVGPLVNNLGRKGTLLFNNIFSIVPALLMGFSELAKSFEMIIVARVLVGICAGLSSNVVPMYLGELAPKNWRG
ALGVVPQLFITIGILVAQIFGLRSLLANEEGWPILLGLTGIPAVLQLLFLPFFPESPRYLLIQKKDEAAAKSALRRLRGW
HDVDAEIEEILEEDRAEKAVGFISVLKLFKMRSLRWQVISIIVLMAGQQLSGVNAIYYYADQIYLSAGVNEDDVQYVTAG
TGAVNVLITVCAIFVVELMGRRFLLLLGFSVCFTACCVLTGALALQDVISWMPYVSIACVISYVIGHALGPSPIPALLVT
EIFLQSSRPAAYMVAGTVHWLSNFTVGLVFPFIQVGLGAYSFVIFAVICLLTTVYIFLIIPETKSKTFIEINRENLYFQ
;
_entity_poly.pdbx_strand_id   D
#
# COMPACT_ATOMS: atom_id res chain seq x y z
N LEU A 19 16.46 12.26 15.62
CA LEU A 19 15.24 11.56 16.02
C LEU A 19 14.10 11.83 15.05
N ALA A 20 13.79 13.11 14.84
CA ALA A 20 12.71 13.50 13.94
C ALA A 20 13.07 13.21 12.48
N THR A 21 14.29 13.58 12.10
CA THR A 21 14.76 13.35 10.74
C THR A 21 15.16 11.88 10.55
N LEU A 22 15.47 11.22 11.65
CA LEU A 22 15.76 9.78 11.62
C LEU A 22 14.46 9.02 11.36
N ILE A 23 13.37 9.53 11.91
CA ILE A 23 12.05 8.96 11.74
C ILE A 23 11.52 9.30 10.35
N ALA A 24 11.90 10.48 9.85
CA ALA A 24 11.43 10.97 8.56
C ALA A 24 12.33 10.51 7.42
N ALA A 25 13.34 9.70 7.74
CA ALA A 25 14.25 9.17 6.74
C ALA A 25 13.58 8.12 5.88
N PHE A 26 12.90 7.17 6.54
CA PHE A 26 12.21 6.08 5.86
C PHE A 26 10.75 6.45 5.59
N GLY A 27 10.42 7.72 5.81
CA GLY A 27 9.06 8.19 5.72
C GLY A 27 8.45 8.20 4.33
N SER A 28 9.13 7.58 3.37
CA SER A 28 8.56 7.34 2.05
C SER A 28 7.32 6.44 2.13
N SER A 29 7.24 5.65 3.20
CA SER A 29 6.08 4.79 3.43
C SER A 29 4.84 5.63 3.76
N PHE A 30 5.07 6.79 4.34
CA PHE A 30 4.01 7.75 4.63
C PHE A 30 3.41 8.26 3.32
N GLN A 31 4.27 8.53 2.34
CA GLN A 31 3.84 9.07 1.06
C GLN A 31 3.00 8.05 0.30
N TYR A 32 3.26 6.77 0.53
CA TYR A 32 2.45 5.71 -0.03
C TYR A 32 1.09 5.70 0.64
N GLY A 33 1.10 5.71 1.98
CA GLY A 33 -0.13 5.71 2.75
C GLY A 33 -0.99 6.92 2.50
N TYR A 34 -0.36 8.04 2.17
CA TYR A 34 -1.09 9.26 1.85
C TYR A 34 -1.84 9.08 0.53
N ASN A 35 -1.13 8.64 -0.49
CA ASN A 35 -1.67 8.54 -1.85
C ASN A 35 -2.78 7.50 -1.97
N VAL A 36 -2.87 6.60 -1.00
CA VAL A 36 -3.91 5.58 -1.01
C VAL A 36 -5.26 6.18 -0.68
N ALA A 37 -5.31 6.99 0.38
CA ALA A 37 -6.55 7.60 0.82
C ALA A 37 -6.74 9.02 0.27
N ALA A 38 -5.74 9.51 -0.47
CA ALA A 38 -5.77 10.88 -0.98
C ALA A 38 -6.85 11.09 -2.03
N ILE A 39 -7.28 10.01 -2.68
CA ILE A 39 -8.29 10.11 -3.72
C ILE A 39 -9.70 9.79 -3.22
N ASN A 40 -9.82 9.40 -1.95
CA ASN A 40 -11.12 9.09 -1.37
C ASN A 40 -11.96 10.34 -1.12
N SER A 41 -11.38 11.28 -0.38
CA SER A 41 -12.09 12.48 0.07
C SER A 41 -12.47 13.46 -1.05
N PRO A 42 -11.50 13.89 -1.88
CA PRO A 42 -11.85 14.86 -2.93
C PRO A 42 -12.75 14.30 -4.03
N SER A 43 -12.90 12.98 -4.07
CA SER A 43 -13.55 12.27 -5.17
C SER A 43 -14.86 12.90 -5.62
N GLU A 44 -15.70 13.30 -4.67
CA GLU A 44 -16.98 13.89 -4.99
C GLU A 44 -16.82 15.19 -5.77
N PHE A 45 -15.89 16.03 -5.32
CA PHE A 45 -15.62 17.30 -5.98
C PHE A 45 -14.75 17.12 -7.22
N MET A 46 -14.05 16.00 -7.30
CA MET A 46 -13.14 15.75 -8.41
C MET A 46 -13.87 15.28 -9.66
N LYS A 47 -14.85 14.40 -9.51
CA LYS A 47 -15.60 13.89 -10.64
C LYS A 47 -16.31 15.00 -11.41
N ASP A 48 -16.74 16.04 -10.69
CA ASP A 48 -17.33 17.21 -11.33
C ASP A 48 -16.33 17.85 -12.27
N PHE A 49 -15.10 18.00 -11.80
CA PHE A 49 -14.01 18.56 -12.59
C PHE A 49 -13.84 17.82 -13.91
N TYR A 50 -14.10 16.52 -13.89
CA TYR A 50 -14.01 15.69 -15.09
C TYR A 50 -15.16 15.98 -16.04
N ALA A 51 -16.37 15.99 -15.49
CA ALA A 51 -17.58 16.10 -16.29
C ALA A 51 -17.70 17.43 -17.02
N TYR A 52 -17.46 18.54 -16.32
CA TYR A 52 -17.64 19.84 -16.96
C TYR A 52 -16.45 20.19 -17.85
N THR A 53 -15.28 19.62 -17.56
CA THR A 53 -14.13 19.80 -18.44
C THR A 53 -14.40 19.09 -19.76
N TYR A 54 -15.18 18.02 -19.68
CA TYR A 54 -15.49 17.21 -20.86
C TYR A 54 -16.34 17.99 -21.88
N TYR A 55 -17.41 18.62 -21.41
CA TYR A 55 -18.29 19.34 -22.34
C TYR A 55 -17.84 20.79 -22.52
N ASP A 56 -16.78 21.18 -21.83
CA ASP A 56 -16.15 22.47 -22.09
C ASP A 56 -15.23 22.34 -23.29
N ARG A 57 -15.01 21.10 -23.72
CA ARG A 57 -14.22 20.81 -24.91
C ARG A 57 -15.10 20.18 -25.97
N VAL A 58 -15.64 19.00 -25.66
CA VAL A 58 -16.50 18.26 -26.57
C VAL A 58 -17.83 19.00 -26.79
N GLY A 59 -18.47 19.39 -25.70
CA GLY A 59 -19.75 20.07 -25.78
C GLY A 59 -20.92 19.20 -25.37
N GLU A 60 -20.69 17.88 -25.36
CA GLU A 60 -21.70 16.92 -24.95
C GLU A 60 -21.39 16.36 -23.58
N TYR A 61 -22.42 16.02 -22.81
CA TYR A 61 -22.25 15.41 -21.50
C TYR A 61 -21.58 14.05 -21.61
N MET A 62 -20.70 13.76 -20.65
CA MET A 62 -20.06 12.45 -20.58
C MET A 62 -21.08 11.42 -20.07
N ASN A 63 -21.04 10.22 -20.63
CA ASN A 63 -21.95 9.16 -20.22
C ASN A 63 -21.74 8.80 -18.75
N GLU A 64 -22.84 8.46 -18.07
CA GLU A 64 -22.82 8.16 -16.64
C GLU A 64 -21.84 7.04 -16.30
N PHE A 65 -21.77 6.04 -17.17
CA PHE A 65 -20.88 4.91 -16.97
C PHE A 65 -19.42 5.29 -17.19
N TYR A 66 -19.16 6.05 -18.24
CA TYR A 66 -17.79 6.40 -18.62
C TYR A 66 -17.12 7.29 -17.59
N LEU A 67 -17.90 8.06 -16.84
CA LEU A 67 -17.35 8.85 -15.74
C LEU A 67 -16.97 7.94 -14.59
N THR A 68 -17.74 6.86 -14.42
CA THR A 68 -17.44 5.87 -13.40
C THR A 68 -16.29 4.98 -13.87
N LEU A 69 -16.23 4.72 -15.17
CA LEU A 69 -15.14 3.95 -15.76
C LEU A 69 -13.85 4.75 -15.70
N LEU A 70 -13.95 6.07 -15.83
CA LEU A 70 -12.79 6.94 -15.83
C LEU A 70 -12.25 7.17 -14.42
N TRP A 71 -13.13 7.14 -13.43
CA TRP A 71 -12.67 7.33 -12.06
C TRP A 71 -12.04 6.05 -11.53
N SER A 72 -12.59 4.91 -11.94
CA SER A 72 -12.03 3.62 -11.57
C SER A 72 -10.59 3.52 -12.07
N VAL A 73 -10.34 4.16 -13.21
CA VAL A 73 -9.00 4.21 -13.78
C VAL A 73 -8.09 5.07 -12.92
N THR A 74 -8.56 6.28 -12.58
CA THR A 74 -7.80 7.22 -11.76
C THR A 74 -7.28 6.58 -10.48
N VAL A 75 -8.15 5.83 -9.82
CA VAL A 75 -7.82 5.18 -8.55
C VAL A 75 -6.91 3.98 -8.77
N SER A 76 -7.20 3.18 -9.80
CA SER A 76 -6.50 1.92 -9.99
C SER A 76 -5.19 2.06 -10.77
N MET A 77 -4.89 3.25 -11.26
CA MET A 77 -3.61 3.46 -11.93
C MET A 77 -2.48 3.46 -10.89
N PHE A 78 -2.81 3.88 -9.67
CA PHE A 78 -1.81 3.92 -8.60
C PHE A 78 -1.24 2.53 -8.30
N PRO A 79 -2.10 1.54 -8.00
CA PRO A 79 -1.48 0.23 -7.73
C PRO A 79 -0.91 -0.41 -8.98
N PHE A 80 -1.34 0.03 -10.16
CA PHE A 80 -0.78 -0.47 -11.40
C PHE A 80 0.63 0.09 -11.61
N GLY A 81 0.78 1.38 -11.35
CA GLY A 81 2.09 2.02 -11.45
C GLY A 81 3.08 1.39 -10.51
N GLY A 82 2.61 0.99 -9.33
CA GLY A 82 3.44 0.31 -8.36
C GLY A 82 3.98 -1.00 -8.88
N PHE A 83 3.14 -1.74 -9.59
CA PHE A 83 3.54 -2.99 -10.22
C PHE A 83 4.72 -2.77 -11.16
N LEU A 84 4.61 -1.76 -12.00
CA LEU A 84 5.67 -1.41 -12.94
C LEU A 84 6.89 -0.93 -12.18
N GLY A 85 6.67 -0.07 -11.19
CA GLY A 85 7.74 0.52 -10.42
C GLY A 85 8.50 -0.47 -9.55
N SER A 86 7.82 -1.55 -9.15
CA SER A 86 8.44 -2.55 -8.31
C SER A 86 9.37 -3.46 -9.12
N LEU A 87 9.20 -3.45 -10.43
CA LEU A 87 10.02 -4.26 -11.32
C LEU A 87 11.38 -3.61 -11.54
N MET A 88 11.43 -2.29 -11.40
CA MET A 88 12.62 -1.53 -11.70
C MET A 88 13.59 -1.47 -10.52
N VAL A 89 13.15 -1.98 -9.37
CA VAL A 89 13.96 -1.90 -8.16
C VAL A 89 15.25 -2.69 -8.32
N GLY A 90 15.21 -3.74 -9.14
CA GLY A 90 16.38 -4.58 -9.34
C GLY A 90 17.55 -3.90 -10.01
N PRO A 91 17.34 -3.37 -11.23
CA PRO A 91 18.44 -2.67 -11.92
C PRO A 91 18.81 -1.33 -11.29
N LEU A 92 17.89 -0.69 -10.59
CA LEU A 92 18.16 0.63 -10.01
C LEU A 92 19.10 0.54 -8.81
N VAL A 93 18.81 -0.34 -7.86
CA VAL A 93 19.63 -0.46 -6.66
C VAL A 93 20.93 -1.19 -6.97
N ASN A 94 20.96 -1.90 -8.10
CA ASN A 94 22.18 -2.55 -8.56
C ASN A 94 23.07 -1.57 -9.31
N ASN A 95 22.56 -0.36 -9.52
CA ASN A 95 23.31 0.68 -10.22
C ASN A 95 23.39 1.96 -9.40
N LEU A 96 22.25 2.60 -9.17
CA LEU A 96 22.19 3.86 -8.44
C LEU A 96 22.50 3.68 -6.96
N GLY A 97 22.22 2.48 -6.43
CA GLY A 97 22.39 2.20 -5.03
C GLY A 97 21.08 2.31 -4.27
N ARG A 98 21.14 2.11 -2.95
CA ARG A 98 19.94 2.17 -2.13
C ARG A 98 19.50 3.61 -1.93
N LYS A 99 20.33 4.40 -1.26
CA LYS A 99 20.04 5.81 -1.02
C LYS A 99 19.98 6.58 -2.34
N GLY A 100 20.81 6.15 -3.29
CA GLY A 100 20.86 6.77 -4.60
C GLY A 100 19.54 6.69 -5.34
N THR A 101 18.92 5.51 -5.32
CA THR A 101 17.61 5.32 -5.91
C THR A 101 16.57 6.09 -5.10
N LEU A 102 16.76 6.13 -3.79
CA LEU A 102 15.85 6.84 -2.89
C LEU A 102 15.83 8.33 -3.18
N LEU A 103 16.95 8.85 -3.68
CA LEU A 103 17.01 10.24 -4.12
C LEU A 103 16.38 10.39 -5.51
N PHE A 104 16.59 9.38 -6.34
CA PHE A 104 16.11 9.40 -7.72
C PHE A 104 14.61 9.58 -7.82
N ASN A 105 13.86 8.75 -7.10
CA ASN A 105 12.41 8.78 -7.20
C ASN A 105 11.82 9.99 -6.48
N ASN A 106 12.59 10.55 -5.55
CA ASN A 106 12.14 11.73 -4.80
C ASN A 106 12.02 12.96 -5.71
N ILE A 107 13.08 13.24 -6.47
CA ILE A 107 13.04 14.35 -7.42
C ILE A 107 12.09 13.98 -8.56
N PHE A 108 11.87 12.69 -8.73
CA PHE A 108 10.95 12.17 -9.73
C PHE A 108 9.52 12.12 -9.19
N SER A 109 9.38 12.28 -7.87
CA SER A 109 8.07 12.29 -7.24
C SER A 109 7.47 13.69 -7.20
N ILE A 110 8.29 14.69 -7.53
CA ILE A 110 7.84 16.07 -7.56
C ILE A 110 7.02 16.31 -8.83
N VAL A 111 7.36 15.58 -9.89
CA VAL A 111 6.68 15.71 -11.17
C VAL A 111 5.19 15.34 -11.09
N PRO A 112 4.85 14.13 -10.59
CA PRO A 112 3.41 13.85 -10.52
C PRO A 112 2.71 14.66 -9.43
N ALA A 113 3.48 15.15 -8.45
CA ALA A 113 2.92 15.90 -7.34
C ALA A 113 2.39 17.25 -7.79
N LEU A 114 3.23 18.01 -8.50
CA LEU A 114 2.82 19.32 -8.98
C LEU A 114 1.87 19.19 -10.15
N LEU A 115 1.87 18.03 -10.79
CA LEU A 115 0.98 17.74 -11.90
C LEU A 115 -0.48 17.80 -11.44
N MET A 116 -0.73 17.21 -10.27
CA MET A 116 -2.07 17.18 -9.70
C MET A 116 -2.40 18.51 -9.02
N GLY A 117 -1.39 19.16 -8.47
CA GLY A 117 -1.57 20.44 -7.81
C GLY A 117 -1.98 21.54 -8.78
N PHE A 118 -1.33 21.56 -9.94
CA PHE A 118 -1.63 22.54 -10.97
C PHE A 118 -2.64 21.99 -11.98
N SER A 119 -3.15 20.79 -11.72
CA SER A 119 -4.16 20.18 -12.56
C SER A 119 -5.44 21.02 -12.63
N GLU A 120 -5.60 21.92 -11.67
CA GLU A 120 -6.70 22.87 -11.64
C GLU A 120 -6.74 23.73 -12.90
N LEU A 121 -5.57 23.96 -13.48
CA LEU A 121 -5.45 24.88 -14.62
C LEU A 121 -5.95 24.28 -15.93
N ALA A 122 -5.26 23.26 -16.44
CA ALA A 122 -5.55 22.77 -17.77
C ALA A 122 -6.60 21.66 -17.83
N LYS A 123 -6.20 20.44 -17.47
CA LYS A 123 -7.09 19.28 -17.61
C LYS A 123 -6.73 18.11 -16.68
N SER A 124 -7.72 17.26 -16.42
CA SER A 124 -7.53 16.07 -15.60
C SER A 124 -6.95 14.89 -16.38
N PHE A 125 -7.31 14.80 -17.66
CA PHE A 125 -7.04 13.62 -18.49
C PHE A 125 -5.58 13.16 -18.46
N GLU A 126 -4.67 14.12 -18.36
CA GLU A 126 -3.25 13.81 -18.25
C GLU A 126 -2.77 14.05 -16.81
N MET A 127 -2.90 15.29 -16.36
CA MET A 127 -2.34 15.73 -15.09
C MET A 127 -2.83 14.95 -13.86
N ILE A 128 -3.85 14.11 -14.03
CA ILE A 128 -4.30 13.27 -12.92
C ILE A 128 -3.99 11.79 -13.18
N ILE A 129 -4.63 11.22 -14.20
CA ILE A 129 -4.50 9.79 -14.49
C ILE A 129 -3.05 9.41 -14.78
N VAL A 130 -2.38 10.21 -15.62
CA VAL A 130 -0.98 9.95 -15.96
C VAL A 130 -0.08 10.30 -14.78
N ALA A 131 -0.58 11.16 -13.89
CA ALA A 131 0.17 11.50 -12.68
C ALA A 131 0.02 10.41 -11.62
N ARG A 132 -1.13 9.72 -11.63
CA ARG A 132 -1.40 8.67 -10.66
C ARG A 132 -0.54 7.43 -10.90
N VAL A 133 -0.31 7.09 -12.15
CA VAL A 133 0.54 5.96 -12.48
C VAL A 133 2.00 6.32 -12.16
N LEU A 134 2.34 7.60 -12.33
CA LEU A 134 3.70 8.06 -12.07
C LEU A 134 3.98 8.17 -10.58
N VAL A 135 2.95 8.45 -9.79
CA VAL A 135 3.12 8.54 -8.34
C VAL A 135 3.06 7.13 -7.76
N GLY A 136 2.54 6.19 -8.54
CA GLY A 136 2.49 4.80 -8.12
C GLY A 136 3.83 4.11 -8.31
N ILE A 137 4.53 4.50 -9.37
CA ILE A 137 5.85 3.95 -9.67
C ILE A 137 6.81 4.25 -8.52
N CYS A 138 6.69 5.43 -7.94
CA CYS A 138 7.52 5.83 -6.80
C CYS A 138 7.25 4.95 -5.58
N ALA A 139 5.98 4.67 -5.33
CA ALA A 139 5.58 3.91 -4.15
C ALA A 139 5.97 2.44 -4.26
N GLY A 140 5.68 1.82 -5.39
CA GLY A 140 6.05 0.44 -5.63
C GLY A 140 7.55 0.23 -5.64
N LEU A 141 8.29 1.29 -6.00
CA LEU A 141 9.74 1.26 -6.03
C LEU A 141 10.32 1.36 -4.62
N SER A 142 9.80 2.29 -3.83
CA SER A 142 10.33 2.55 -2.51
C SER A 142 10.00 1.44 -1.52
N SER A 143 8.87 0.77 -1.73
CA SER A 143 8.41 -0.30 -0.84
C SER A 143 9.44 -1.42 -0.72
N ASN A 144 10.34 -1.48 -1.69
CA ASN A 144 11.45 -2.42 -1.68
C ASN A 144 12.71 -1.75 -1.13
N VAL A 145 13.15 -0.69 -1.79
CA VAL A 145 14.36 0.04 -1.44
C VAL A 145 14.44 0.45 0.04
N VAL A 146 13.32 0.90 0.62
CA VAL A 146 13.32 1.43 1.98
C VAL A 146 13.70 0.36 3.02
N PRO A 147 13.00 -0.80 3.04
CA PRO A 147 13.49 -1.81 3.98
C PRO A 147 14.84 -2.39 3.55
N MET A 148 15.20 -2.21 2.28
CA MET A 148 16.47 -2.66 1.75
C MET A 148 17.60 -1.75 2.22
N TYR A 149 17.34 -0.44 2.17
CA TYR A 149 18.30 0.56 2.63
C TYR A 149 18.45 0.51 4.15
N LEU A 150 17.33 0.37 4.84
CA LEU A 150 17.33 0.28 6.30
C LEU A 150 17.87 -1.06 6.78
N GLY A 151 17.76 -2.09 5.93
CA GLY A 151 18.18 -3.42 6.29
C GLY A 151 19.69 -3.63 6.26
N GLU A 152 20.34 -3.01 5.29
CA GLU A 152 21.79 -3.14 5.16
C GLU A 152 22.54 -2.24 6.15
N LEU A 153 21.88 -1.16 6.58
CA LEU A 153 22.45 -0.25 7.54
C LEU A 153 22.36 -0.79 8.96
N ALA A 154 21.25 -1.45 9.26
CA ALA A 154 21.00 -2.01 10.59
C ALA A 154 22.05 -3.06 10.95
N PRO A 155 22.38 -3.16 12.24
CA PRO A 155 23.38 -4.14 12.70
C PRO A 155 22.93 -5.58 12.50
N LYS A 156 23.87 -6.51 12.58
CA LYS A 156 23.62 -7.93 12.33
C LYS A 156 22.51 -8.49 13.21
N ASN A 157 22.75 -8.48 14.53
CA ASN A 157 21.81 -9.05 15.49
C ASN A 157 20.48 -8.31 15.50
N TRP A 158 20.51 -7.00 15.66
CA TRP A 158 19.28 -6.23 15.71
C TRP A 158 18.95 -5.72 14.31
N ARG A 159 17.95 -6.34 13.70
CA ARG A 159 17.56 -6.03 12.32
C ARG A 159 16.05 -5.92 12.17
N GLY A 160 15.37 -7.04 12.44
CA GLY A 160 13.97 -7.21 12.12
C GLY A 160 12.98 -6.41 12.96
N ALA A 161 13.48 -5.46 13.75
CA ALA A 161 12.62 -4.55 14.51
C ALA A 161 11.77 -3.69 13.58
N LEU A 162 12.10 -3.72 12.30
CA LEU A 162 11.42 -2.93 11.28
C LEU A 162 10.23 -3.66 10.66
N GLY A 163 9.85 -4.80 11.25
CA GLY A 163 8.77 -5.59 10.69
C GLY A 163 7.46 -4.84 10.46
N VAL A 164 6.89 -4.27 11.52
CA VAL A 164 5.67 -3.48 11.39
C VAL A 164 5.93 -1.97 11.39
N VAL A 165 7.19 -1.58 11.56
CA VAL A 165 7.53 -0.16 11.72
C VAL A 165 7.16 0.72 10.51
N PRO A 166 7.57 0.35 9.28
CA PRO A 166 7.14 1.20 8.16
C PRO A 166 5.64 1.08 7.89
N GLN A 167 5.05 -0.05 8.28
CA GLN A 167 3.62 -0.26 8.12
C GLN A 167 2.84 0.74 8.98
N LEU A 168 3.44 1.14 10.10
CA LEU A 168 2.84 2.14 10.97
C LEU A 168 2.76 3.49 10.26
N PHE A 169 3.78 3.79 9.46
CA PHE A 169 3.84 5.06 8.74
C PHE A 169 2.86 5.10 7.58
N ILE A 170 2.57 3.94 7.00
CA ILE A 170 1.57 3.84 5.94
C ILE A 170 0.20 4.19 6.52
N THR A 171 -0.05 3.70 7.73
CA THR A 171 -1.33 3.90 8.39
C THR A 171 -1.53 5.36 8.80
N ILE A 172 -0.43 6.03 9.11
CA ILE A 172 -0.47 7.45 9.48
C ILE A 172 -0.74 8.28 8.23
N GLY A 173 -0.11 7.91 7.13
CA GLY A 173 -0.31 8.58 5.86
C GLY A 173 -1.77 8.53 5.42
N ILE A 174 -2.41 7.41 5.70
CA ILE A 174 -3.84 7.25 5.43
C ILE A 174 -4.64 8.23 6.28
N LEU A 175 -4.30 8.30 7.56
CA LEU A 175 -5.00 9.16 8.51
C LEU A 175 -4.84 10.64 8.17
N VAL A 176 -3.62 11.03 7.79
CA VAL A 176 -3.32 12.41 7.45
C VAL A 176 -4.11 12.84 6.22
N ALA A 177 -4.16 11.98 5.21
CA ALA A 177 -4.92 12.26 4.00
C ALA A 177 -6.41 12.40 4.29
N GLN A 178 -6.85 11.73 5.35
CA GLN A 178 -8.26 11.77 5.74
C GLN A 178 -8.62 13.03 6.51
N ILE A 179 -7.74 13.46 7.41
CA ILE A 179 -8.00 14.67 8.20
C ILE A 179 -7.71 15.92 7.38
N PHE A 180 -6.77 15.83 6.44
CA PHE A 180 -6.54 16.92 5.49
C PHE A 180 -7.57 16.83 4.38
N GLY A 181 -8.15 15.64 4.22
CA GLY A 181 -9.24 15.46 3.28
C GLY A 181 -10.58 15.67 3.95
N LEU A 182 -10.56 16.36 5.09
CA LEU A 182 -11.79 16.68 5.79
C LEU A 182 -12.61 17.64 4.94
N ARG A 183 -13.94 17.54 5.04
CA ARG A 183 -14.85 18.39 4.29
C ARG A 183 -14.52 19.87 4.46
N SER A 184 -14.04 20.23 5.64
CA SER A 184 -13.74 21.61 5.97
C SER A 184 -12.40 22.10 5.42
N LEU A 185 -11.35 21.28 5.50
CA LEU A 185 -10.01 21.81 5.24
C LEU A 185 -9.62 21.89 3.77
N LEU A 186 -9.15 20.77 3.21
CA LEU A 186 -8.75 20.76 1.80
C LEU A 186 -9.72 20.04 0.86
N ALA A 187 -10.76 19.41 1.40
CA ALA A 187 -11.68 18.67 0.54
C ALA A 187 -12.87 19.54 0.17
N ASN A 188 -12.88 19.97 -1.09
CA ASN A 188 -13.86 20.91 -1.61
C ASN A 188 -13.49 21.24 -3.05
N GLU A 189 -14.32 22.05 -3.70
CA GLU A 189 -14.09 22.42 -5.09
C GLU A 189 -12.76 23.12 -5.32
N GLU A 190 -12.47 24.14 -4.51
CA GLU A 190 -11.28 24.96 -4.71
C GLU A 190 -10.00 24.39 -4.10
N GLY A 191 -10.13 23.52 -3.10
CA GLY A 191 -8.98 23.10 -2.32
C GLY A 191 -8.35 21.75 -2.60
N TRP A 192 -9.03 20.89 -3.35
CA TRP A 192 -8.55 19.53 -3.59
C TRP A 192 -7.19 19.43 -4.32
N PRO A 193 -6.87 20.35 -5.26
CA PRO A 193 -5.54 20.19 -5.87
C PRO A 193 -4.40 20.35 -4.86
N ILE A 194 -4.62 21.19 -3.86
CA ILE A 194 -3.65 21.40 -2.80
C ILE A 194 -3.50 20.09 -2.01
N LEU A 195 -4.61 19.39 -1.84
CA LEU A 195 -4.62 18.12 -1.12
C LEU A 195 -3.84 17.05 -1.88
N LEU A 196 -4.02 17.01 -3.19
CA LEU A 196 -3.32 16.04 -4.04
C LEU A 196 -1.85 16.39 -4.14
N GLY A 197 -1.55 17.67 -4.38
CA GLY A 197 -0.18 18.12 -4.53
C GLY A 197 0.61 18.09 -3.24
N LEU A 198 -0.08 17.91 -2.12
CA LEU A 198 0.56 17.90 -0.80
C LEU A 198 1.41 16.65 -0.61
N THR A 199 1.31 15.71 -1.54
CA THR A 199 2.07 14.47 -1.46
C THR A 199 3.55 14.68 -1.79
N GLY A 200 3.87 15.82 -2.37
CA GLY A 200 5.24 16.14 -2.74
C GLY A 200 6.02 16.82 -1.64
N ILE A 201 5.31 17.28 -0.63
CA ILE A 201 5.93 17.96 0.51
C ILE A 201 6.83 17.02 1.34
N PRO A 202 6.35 15.80 1.68
CA PRO A 202 7.30 14.93 2.37
C PRO A 202 8.43 14.45 1.46
N ALA A 203 8.23 14.55 0.16
CA ALA A 203 9.27 14.18 -0.81
C ALA A 203 10.38 15.22 -0.83
N VAL A 204 9.99 16.49 -0.82
CA VAL A 204 10.96 17.58 -0.81
C VAL A 204 11.53 17.73 0.59
N LEU A 205 10.82 17.19 1.58
CA LEU A 205 11.29 17.18 2.96
C LEU A 205 12.36 16.12 3.14
N GLN A 206 12.20 15.00 2.43
CA GLN A 206 13.15 13.90 2.50
C GLN A 206 14.39 14.21 1.66
N LEU A 207 14.23 15.08 0.66
CA LEU A 207 15.35 15.48 -0.18
C LEU A 207 16.33 16.39 0.56
N LEU A 208 15.95 16.79 1.77
CA LEU A 208 16.78 17.64 2.61
C LEU A 208 17.61 16.82 3.60
N PHE A 209 16.92 16.10 4.47
CA PHE A 209 17.57 15.39 5.57
C PHE A 209 18.35 14.15 5.12
N LEU A 210 17.85 13.45 4.12
CA LEU A 210 18.47 12.20 3.65
C LEU A 210 19.88 12.33 3.05
N PRO A 211 20.16 13.39 2.27
CA PRO A 211 21.52 13.52 1.69
C PRO A 211 22.69 13.33 2.66
N PHE A 212 22.60 13.84 3.89
CA PHE A 212 23.71 13.67 4.82
C PHE A 212 23.56 12.39 5.66
N PHE A 213 22.52 11.61 5.38
CA PHE A 213 22.42 10.27 5.95
C PHE A 213 23.39 9.34 5.25
N PRO A 214 23.97 8.39 5.99
CA PRO A 214 24.97 7.45 5.45
C PRO A 214 24.49 6.67 4.24
N GLU A 215 25.42 6.28 3.39
CA GLU A 215 25.12 5.49 2.20
C GLU A 215 25.05 4.01 2.55
N SER A 216 24.97 3.15 1.54
CA SER A 216 24.91 1.71 1.76
C SER A 216 26.30 1.08 1.74
N PRO A 217 26.73 0.51 2.88
CA PRO A 217 28.04 -0.14 3.00
C PRO A 217 28.17 -1.39 2.12
N ARG A 218 27.10 -2.18 2.07
CA ARG A 218 27.10 -3.41 1.30
C ARG A 218 27.16 -3.13 -0.21
N TYR A 219 26.51 -2.04 -0.61
CA TYR A 219 26.47 -1.66 -2.02
C TYR A 219 27.81 -1.08 -2.48
N LEU A 220 28.46 -0.33 -1.61
CA LEU A 220 29.73 0.33 -1.96
C LEU A 220 30.89 -0.66 -2.05
N LEU A 221 30.91 -1.65 -1.16
CA LEU A 221 32.00 -2.61 -1.13
C LEU A 221 31.90 -3.64 -2.24
N ILE A 222 30.66 -4.04 -2.56
CA ILE A 222 30.43 -5.10 -3.54
C ILE A 222 30.27 -4.52 -4.94
N GLN A 223 29.22 -3.74 -5.14
CA GLN A 223 28.92 -3.19 -6.47
C GLN A 223 29.93 -2.12 -6.90
N LYS A 224 30.21 -1.17 -6.01
CA LYS A 224 31.12 -0.07 -6.32
C LYS A 224 32.59 -0.44 -6.12
N LYS A 225 32.83 -1.55 -5.43
CA LYS A 225 34.18 -2.04 -5.14
C LYS A 225 35.06 -0.99 -4.43
N ASP A 226 34.46 -0.21 -3.54
CA ASP A 226 35.21 0.75 -2.75
C ASP A 226 35.20 0.39 -1.27
N GLU A 227 36.37 0.02 -0.76
CA GLU A 227 36.50 -0.39 0.64
C GLU A 227 36.51 0.81 1.58
N ALA A 228 37.13 1.90 1.14
CA ALA A 228 37.23 3.11 1.94
C ALA A 228 35.85 3.76 2.12
N ALA A 229 34.99 3.58 1.14
CA ALA A 229 33.64 4.16 1.20
C ALA A 229 32.74 3.36 2.12
N ALA A 230 33.02 2.06 2.25
CA ALA A 230 32.22 1.19 3.09
C ALA A 230 32.58 1.33 4.57
N LYS A 231 33.87 1.47 4.85
CA LYS A 231 34.35 1.56 6.23
C LYS A 231 33.97 2.87 6.90
N SER A 232 33.97 3.96 6.13
CA SER A 232 33.70 5.28 6.67
C SER A 232 32.26 5.43 7.17
N ALA A 233 31.33 4.85 6.43
CA ALA A 233 29.91 4.93 6.78
C ALA A 233 29.54 3.88 7.82
N LEU A 234 30.45 2.94 8.06
CA LEU A 234 30.21 1.84 8.99
C LEU A 234 30.40 2.26 10.44
N ARG A 235 31.42 3.08 10.69
CA ARG A 235 31.78 3.45 12.05
C ARG A 235 30.74 4.39 12.67
N ARG A 236 29.97 5.06 11.81
CA ARG A 236 28.88 5.90 12.28
C ARG A 236 27.82 5.03 12.95
N LEU A 237 27.45 3.95 12.25
CA LEU A 237 26.60 2.89 12.80
C LEU A 237 25.29 3.43 13.38
N ALA A 245 37.61 -4.32 10.86
CA ALA A 245 36.96 -5.03 9.76
C ALA A 245 35.99 -6.09 10.28
N GLU A 246 35.04 -5.66 11.09
CA GLU A 246 34.06 -6.58 11.66
C GLU A 246 32.92 -6.85 10.67
N ILE A 247 32.13 -5.82 10.41
CA ILE A 247 31.04 -5.91 9.43
C ILE A 247 31.64 -5.94 8.02
N GLU A 248 32.82 -5.34 7.88
CA GLU A 248 33.51 -5.28 6.60
C GLU A 248 33.76 -6.67 6.01
N GLU A 249 34.22 -7.60 6.85
CA GLU A 249 34.44 -8.97 6.41
C GLU A 249 33.13 -9.76 6.37
N ILE A 250 32.14 -9.29 7.12
CA ILE A 250 30.83 -9.92 7.15
C ILE A 250 30.16 -9.82 5.78
N LEU A 251 30.48 -8.76 5.05
CA LEU A 251 29.88 -8.51 3.74
C LEU A 251 30.35 -9.51 2.68
N GLU A 252 31.31 -10.37 3.05
CA GLU A 252 31.77 -11.44 2.17
C GLU A 252 30.65 -12.46 1.91
N GLU A 253 29.56 -12.32 2.65
CA GLU A 253 28.39 -13.16 2.45
C GLU A 253 27.63 -12.76 1.19
N ASP A 254 28.06 -11.66 0.56
CA ASP A 254 27.53 -11.24 -0.73
C ASP A 254 28.41 -11.83 -1.83
N ARG A 255 29.39 -12.61 -1.40
CA ARG A 255 30.28 -13.36 -2.28
C ARG A 255 29.88 -14.83 -2.19
N ALA A 256 29.90 -15.37 -0.97
CA ALA A 256 29.38 -16.71 -0.71
C ALA A 256 28.01 -16.94 -1.34
N GLU A 257 27.15 -15.91 -1.31
CA GLU A 257 25.81 -16.04 -1.89
C GLU A 257 25.84 -15.91 -3.42
N LYS A 258 26.95 -15.43 -3.96
CA LYS A 258 27.09 -15.26 -5.40
C LYS A 258 27.21 -16.63 -6.07
N ALA A 259 27.83 -17.58 -5.36
CA ALA A 259 28.01 -18.93 -5.87
C ALA A 259 26.74 -19.75 -5.74
N VAL A 260 25.97 -19.48 -4.69
CA VAL A 260 24.72 -20.19 -4.45
C VAL A 260 23.72 -19.83 -5.54
N GLY A 261 23.87 -18.63 -6.11
CA GLY A 261 23.00 -18.18 -7.18
C GLY A 261 21.58 -17.93 -6.73
N PHE A 262 20.70 -17.67 -7.69
CA PHE A 262 19.29 -17.41 -7.38
C PHE A 262 18.36 -18.15 -8.34
N ILE A 263 17.32 -18.74 -7.78
CA ILE A 263 16.33 -19.47 -8.56
C ILE A 263 15.54 -18.49 -9.42
N SER A 264 15.23 -18.88 -10.64
CA SER A 264 14.41 -18.04 -11.53
C SER A 264 12.95 -18.08 -11.08
N VAL A 265 12.11 -17.32 -11.79
CA VAL A 265 10.69 -17.26 -11.44
C VAL A 265 9.98 -18.50 -11.99
N LEU A 266 10.45 -18.99 -13.13
CA LEU A 266 9.87 -20.18 -13.75
C LEU A 266 10.18 -21.42 -12.92
N LYS A 267 11.44 -21.58 -12.53
CA LYS A 267 11.89 -22.73 -11.76
C LYS A 267 11.21 -22.79 -10.39
N LEU A 268 10.67 -21.65 -9.95
CA LEU A 268 9.86 -21.61 -8.73
C LEU A 268 8.65 -22.53 -8.84
N PHE A 269 7.94 -22.43 -9.96
CA PHE A 269 6.77 -23.26 -10.20
C PHE A 269 7.17 -24.71 -10.48
N LYS A 270 8.31 -24.89 -11.14
CA LYS A 270 8.76 -26.20 -11.55
C LYS A 270 9.21 -27.07 -10.37
N MET A 271 9.71 -26.42 -9.31
CA MET A 271 10.21 -27.15 -8.16
C MET A 271 9.09 -27.72 -7.31
N ARG A 272 9.09 -29.04 -7.13
CA ARG A 272 8.09 -29.70 -6.31
C ARG A 272 8.29 -29.39 -4.83
N SER A 273 9.50 -28.95 -4.49
CA SER A 273 9.83 -28.61 -3.12
C SER A 273 9.15 -27.31 -2.70
N LEU A 274 9.09 -26.36 -3.63
CA LEU A 274 8.57 -25.02 -3.34
C LEU A 274 7.11 -24.79 -3.74
N ARG A 275 6.43 -25.82 -4.24
CA ARG A 275 5.07 -25.63 -4.76
C ARG A 275 4.07 -25.18 -3.70
N TRP A 276 4.03 -25.87 -2.57
CA TRP A 276 3.10 -25.50 -1.49
C TRP A 276 3.51 -24.20 -0.81
N GLN A 277 4.67 -23.68 -1.20
CA GLN A 277 5.13 -22.37 -0.78
C GLN A 277 4.60 -21.31 -1.74
N VAL A 278 4.98 -21.41 -3.01
CA VAL A 278 4.51 -20.54 -4.07
C VAL A 278 2.98 -20.42 -4.07
N ILE A 279 2.30 -21.55 -3.99
CA ILE A 279 0.83 -21.56 -3.97
C ILE A 279 0.29 -20.76 -2.78
N SER A 280 0.99 -20.85 -1.65
CA SER A 280 0.54 -20.18 -0.42
C SER A 280 0.66 -18.66 -0.47
N ILE A 281 1.80 -18.16 -0.98
CA ILE A 281 2.01 -16.72 -1.01
C ILE A 281 1.14 -16.08 -2.08
N ILE A 282 0.84 -16.83 -3.15
CA ILE A 282 -0.08 -16.33 -4.17
C ILE A 282 -1.47 -16.22 -3.57
N VAL A 283 -1.86 -17.21 -2.77
CA VAL A 283 -3.15 -17.19 -2.08
C VAL A 283 -3.19 -16.09 -1.03
N LEU A 284 -2.10 -15.95 -0.27
CA LEU A 284 -2.02 -14.93 0.76
C LEU A 284 -2.04 -13.52 0.19
N MET A 285 -1.26 -13.28 -0.86
CA MET A 285 -1.17 -11.95 -1.46
C MET A 285 -2.46 -11.59 -2.19
N ALA A 286 -3.05 -12.55 -2.89
CA ALA A 286 -4.33 -12.32 -3.55
C ALA A 286 -5.44 -12.17 -2.50
N GLY A 287 -5.46 -13.09 -1.54
CA GLY A 287 -6.45 -13.07 -0.48
C GLY A 287 -6.43 -11.78 0.31
N GLN A 288 -5.23 -11.28 0.60
CA GLN A 288 -5.05 -10.02 1.31
C GLN A 288 -5.69 -8.85 0.58
N GLN A 289 -5.39 -8.73 -0.71
CA GLN A 289 -5.88 -7.60 -1.52
C GLN A 289 -7.31 -7.77 -2.03
N LEU A 290 -7.71 -8.99 -2.35
CA LEU A 290 -9.06 -9.24 -2.85
C LEU A 290 -10.04 -9.31 -1.69
N SER A 291 -9.51 -9.18 -0.48
CA SER A 291 -10.34 -9.10 0.72
C SER A 291 -11.13 -7.79 0.75
N GLY A 292 -10.72 -6.84 -0.09
CA GLY A 292 -11.35 -5.54 -0.13
C GLY A 292 -10.87 -4.60 0.96
N VAL A 293 -9.59 -4.67 1.29
CA VAL A 293 -9.01 -3.82 2.30
C VAL A 293 -8.77 -2.42 1.75
N ASN A 294 -8.25 -2.33 0.53
CA ASN A 294 -8.02 -1.05 -0.12
C ASN A 294 -9.29 -0.54 -0.80
N ALA A 295 -10.26 -1.44 -0.96
CA ALA A 295 -11.57 -1.06 -1.49
C ALA A 295 -12.22 -0.07 -0.53
N ILE A 296 -11.81 -0.15 0.74
CA ILE A 296 -12.26 0.79 1.75
C ILE A 296 -11.56 2.11 1.56
N TYR A 297 -10.26 2.14 1.84
CA TYR A 297 -9.48 3.37 1.87
C TYR A 297 -9.55 4.17 0.56
N TYR A 298 -9.75 3.48 -0.55
CA TYR A 298 -10.05 4.16 -1.81
C TYR A 298 -11.46 4.75 -1.79
N TYR A 299 -12.43 3.88 -1.54
CA TYR A 299 -13.85 4.22 -1.67
C TYR A 299 -14.63 4.55 -0.39
N ALA A 300 -13.94 4.65 0.75
CA ALA A 300 -14.58 4.80 2.05
C ALA A 300 -15.71 5.83 2.11
N ASP A 301 -15.48 7.01 1.53
CA ASP A 301 -16.51 8.05 1.49
C ASP A 301 -17.76 7.55 0.76
N GLN A 302 -17.54 6.85 -0.35
CA GLN A 302 -18.64 6.33 -1.16
C GLN A 302 -19.25 5.08 -0.52
N ILE A 303 -18.46 4.39 0.29
CA ILE A 303 -18.91 3.18 0.97
C ILE A 303 -19.91 3.50 2.07
N TYR A 304 -19.58 4.48 2.91
CA TYR A 304 -20.45 4.87 4.01
C TYR A 304 -21.74 5.51 3.50
N LEU A 305 -21.62 6.37 2.50
CA LEU A 305 -22.80 6.94 1.83
C LEU A 305 -23.70 5.84 1.28
N SER A 306 -23.08 4.71 0.93
CA SER A 306 -23.81 3.61 0.32
C SER A 306 -24.69 2.85 1.29
N ALA A 307 -24.60 3.15 2.59
CA ALA A 307 -25.58 2.55 3.49
C ALA A 307 -26.41 3.53 4.32
N GLY A 308 -25.88 3.91 5.48
CA GLY A 308 -26.66 4.73 6.41
C GLY A 308 -26.24 6.16 6.68
N VAL A 309 -25.05 6.51 6.22
CA VAL A 309 -24.37 7.70 6.75
C VAL A 309 -24.80 8.98 6.03
N ASN A 310 -24.99 10.03 6.81
CA ASN A 310 -25.36 11.34 6.26
C ASN A 310 -24.23 11.90 5.40
N GLU A 311 -24.57 12.79 4.47
CA GLU A 311 -23.60 13.37 3.56
C GLU A 311 -22.54 14.17 4.30
N ASP A 312 -22.90 14.71 5.46
CA ASP A 312 -21.95 15.43 6.29
C ASP A 312 -21.08 14.49 7.12
N ASP A 313 -21.69 13.41 7.60
CA ASP A 313 -21.03 12.49 8.53
C ASP A 313 -19.94 11.62 7.90
N VAL A 314 -20.00 11.44 6.58
CA VAL A 314 -19.08 10.52 5.91
C VAL A 314 -17.63 10.99 6.01
N GLN A 315 -17.40 12.29 5.81
CA GLN A 315 -16.03 12.82 5.88
C GLN A 315 -15.46 12.73 7.29
N TYR A 316 -16.34 12.75 8.29
CA TYR A 316 -15.91 12.65 9.68
C TYR A 316 -15.65 11.20 10.11
N VAL A 317 -16.48 10.28 9.64
CA VAL A 317 -16.40 8.89 10.08
C VAL A 317 -15.23 8.15 9.43
N THR A 318 -14.87 8.55 8.21
CA THR A 318 -13.74 7.93 7.53
C THR A 318 -12.43 8.32 8.21
N ALA A 319 -12.39 9.54 8.74
CA ALA A 319 -11.23 10.03 9.47
C ALA A 319 -11.03 9.22 10.75
N GLY A 320 -12.14 8.80 11.35
CA GLY A 320 -12.09 7.98 12.54
C GLY A 320 -11.71 6.55 12.24
N THR A 321 -12.10 6.07 11.06
CA THR A 321 -11.79 4.72 10.63
C THR A 321 -10.27 4.55 10.45
N GLY A 322 -9.63 5.61 9.97
CA GLY A 322 -8.18 5.61 9.82
C GLY A 322 -7.47 5.72 11.15
N ALA A 323 -8.08 6.44 12.09
CA ALA A 323 -7.52 6.59 13.42
C ALA A 323 -7.50 5.25 14.14
N VAL A 324 -8.60 4.50 14.00
CA VAL A 324 -8.70 3.16 14.55
C VAL A 324 -7.63 2.27 13.92
N ASN A 325 -7.46 2.42 12.60
CA ASN A 325 -6.47 1.66 11.85
C ASN A 325 -5.06 1.85 12.38
N VAL A 326 -4.72 3.07 12.77
CA VAL A 326 -3.40 3.36 13.34
C VAL A 326 -3.25 2.72 14.71
N LEU A 327 -4.27 2.85 15.53
CA LEU A 327 -4.26 2.33 16.90
C LEU A 327 -4.08 0.80 16.92
N ILE A 328 -4.61 0.12 15.92
CA ILE A 328 -4.45 -1.32 15.81
C ILE A 328 -3.05 -1.64 15.32
N THR A 329 -2.52 -0.80 14.44
CA THR A 329 -1.20 -1.02 13.87
C THR A 329 -0.09 -0.74 14.86
N VAL A 330 -0.28 0.27 15.70
CA VAL A 330 0.70 0.59 16.75
C VAL A 330 0.65 -0.48 17.83
N CYS A 331 -0.43 -1.24 17.84
CA CYS A 331 -0.59 -2.39 18.71
C CYS A 331 0.04 -3.63 18.07
N ALA A 332 -0.46 -3.98 16.88
CA ALA A 332 -0.10 -5.23 16.20
C ALA A 332 1.39 -5.41 15.95
N ILE A 333 2.19 -4.35 16.14
CA ILE A 333 3.63 -4.45 15.96
C ILE A 333 4.22 -5.43 16.97
N PHE A 334 3.78 -5.35 18.22
CA PHE A 334 4.20 -6.29 19.24
C PHE A 334 3.40 -7.59 19.16
N VAL A 335 2.15 -7.46 18.75
CA VAL A 335 1.22 -8.59 18.72
C VAL A 335 1.62 -9.65 17.68
N VAL A 336 2.16 -9.20 16.56
CA VAL A 336 2.43 -10.10 15.43
C VAL A 336 3.50 -11.15 15.76
N GLU A 337 4.58 -10.72 16.41
CA GLU A 337 5.68 -11.62 16.72
C GLU A 337 5.42 -12.46 17.98
N LEU A 338 4.68 -11.89 18.92
CA LEU A 338 4.43 -12.54 20.20
C LEU A 338 3.32 -13.60 20.12
N MET A 339 2.31 -13.35 19.30
CA MET A 339 1.14 -14.23 19.27
C MET A 339 1.19 -15.29 18.17
N GLY A 340 2.24 -15.28 17.35
CA GLY A 340 2.41 -16.29 16.33
C GLY A 340 1.97 -15.89 14.93
N ARG A 341 2.50 -16.59 13.94
CA ARG A 341 2.21 -16.27 12.54
C ARG A 341 0.87 -16.83 12.05
N ARG A 342 0.57 -18.08 12.42
CA ARG A 342 -0.60 -18.76 11.88
C ARG A 342 -1.91 -18.31 12.53
N PHE A 343 -1.91 -18.21 13.86
CA PHE A 343 -3.12 -17.86 14.60
C PHE A 343 -3.65 -16.48 14.22
N LEU A 344 -2.76 -15.49 14.26
CA LEU A 344 -3.13 -14.12 13.94
C LEU A 344 -3.67 -14.02 12.51
N LEU A 345 -3.07 -14.80 11.62
CA LEU A 345 -3.49 -14.85 10.23
C LEU A 345 -4.91 -15.41 10.11
N LEU A 346 -5.17 -16.49 10.84
CA LEU A 346 -6.48 -17.12 10.86
C LEU A 346 -7.54 -16.23 11.49
N LEU A 347 -7.20 -15.65 12.65
CA LEU A 347 -8.11 -14.80 13.39
C LEU A 347 -8.53 -13.59 12.55
N GLY A 348 -7.59 -13.05 11.79
CA GLY A 348 -7.85 -11.87 10.99
C GLY A 348 -8.84 -12.08 9.88
N PHE A 349 -8.58 -13.07 9.02
CA PHE A 349 -9.45 -13.35 7.89
C PHE A 349 -10.83 -13.82 8.31
N SER A 350 -10.94 -14.33 9.54
CA SER A 350 -12.22 -14.76 10.08
C SER A 350 -13.04 -13.54 10.50
N VAL A 351 -12.39 -12.60 11.17
CA VAL A 351 -13.04 -11.36 11.57
C VAL A 351 -13.47 -10.58 10.34
N CYS A 352 -12.62 -10.57 9.33
CA CYS A 352 -12.91 -9.88 8.08
C CYS A 352 -14.04 -10.58 7.32
N PHE A 353 -14.22 -11.87 7.59
CA PHE A 353 -15.31 -12.62 6.98
C PHE A 353 -16.65 -12.33 7.65
N THR A 354 -16.66 -12.38 8.97
CA THR A 354 -17.90 -12.21 9.72
C THR A 354 -18.35 -10.75 9.71
N ALA A 355 -17.42 -9.84 9.48
CA ALA A 355 -17.72 -8.42 9.41
C ALA A 355 -18.35 -8.08 8.06
N CYS A 356 -18.07 -8.90 7.06
CA CYS A 356 -18.62 -8.71 5.73
C CYS A 356 -20.06 -9.18 5.65
N CYS A 357 -20.36 -10.28 6.34
CA CYS A 357 -21.70 -10.86 6.33
C CYS A 357 -22.71 -9.95 7.02
N VAL A 358 -22.36 -9.49 8.22
CA VAL A 358 -23.25 -8.64 9.01
C VAL A 358 -23.38 -7.27 8.34
N LEU A 359 -22.40 -6.91 7.52
CA LEU A 359 -22.44 -5.66 6.77
C LEU A 359 -23.35 -5.76 5.55
N THR A 360 -23.42 -6.94 4.94
CA THR A 360 -24.14 -7.14 3.68
C THR A 360 -25.58 -7.71 3.62
N GLY A 361 -26.30 -7.96 4.73
CA GLY A 361 -26.06 -7.42 6.05
C GLY A 361 -26.89 -6.17 6.30
N ALA A 362 -26.40 -5.30 7.17
CA ALA A 362 -27.11 -4.05 7.50
C ALA A 362 -27.35 -3.17 6.27
N LEU A 363 -26.52 -3.36 5.25
CA LEU A 363 -26.72 -2.67 3.97
C LEU A 363 -27.99 -3.15 3.28
N ALA A 364 -28.23 -4.46 3.34
CA ALA A 364 -29.35 -5.09 2.64
C ALA A 364 -30.70 -4.52 3.05
N LEU A 365 -30.97 -4.51 4.35
CA LEU A 365 -32.21 -3.95 4.83
C LEU A 365 -31.97 -2.64 5.56
N GLN A 366 -32.37 -1.54 4.93
CA GLN A 366 -32.16 -0.20 5.47
C GLN A 366 -33.40 0.36 6.15
N ASP A 367 -34.46 -0.43 6.22
CA ASP A 367 -35.71 0.04 6.81
C ASP A 367 -35.64 0.06 8.33
N VAL A 368 -34.63 -0.58 8.90
CA VAL A 368 -34.49 -0.66 10.35
C VAL A 368 -33.70 0.54 10.85
N ILE A 369 -33.30 1.41 9.92
CA ILE A 369 -32.71 2.71 10.25
C ILE A 369 -33.66 3.40 11.22
N SER A 370 -33.16 3.94 12.32
CA SER A 370 -31.73 4.20 12.57
C SER A 370 -30.94 3.07 13.22
N TRP A 371 -31.54 1.91 13.41
CA TRP A 371 -30.84 0.82 14.09
C TRP A 371 -29.69 0.23 13.25
N MET A 372 -29.89 0.13 11.94
CA MET A 372 -28.90 -0.44 11.03
C MET A 372 -27.59 0.34 10.80
N PRO A 373 -27.67 1.65 10.50
CA PRO A 373 -26.44 2.33 10.07
C PRO A 373 -25.32 2.36 11.10
N TYR A 374 -25.69 2.40 12.39
CA TYR A 374 -24.69 2.37 13.45
C TYR A 374 -23.94 1.05 13.42
N VAL A 375 -24.63 0.00 12.98
CA VAL A 375 -24.03 -1.33 12.87
C VAL A 375 -23.04 -1.36 11.71
N SER A 376 -23.47 -0.85 10.55
CA SER A 376 -22.65 -0.83 9.35
C SER A 376 -21.30 -0.15 9.60
N ILE A 377 -21.33 0.96 10.32
CA ILE A 377 -20.13 1.70 10.65
C ILE A 377 -19.23 0.86 11.56
N ALA A 378 -19.84 0.12 12.48
CA ALA A 378 -19.10 -0.77 13.36
C ALA A 378 -18.48 -1.91 12.57
N CYS A 379 -19.18 -2.35 11.52
CA CYS A 379 -18.71 -3.45 10.69
C CYS A 379 -17.46 -3.07 9.91
N VAL A 380 -17.42 -1.83 9.43
CA VAL A 380 -16.26 -1.34 8.68
C VAL A 380 -15.07 -1.20 9.63
N ILE A 381 -15.35 -0.73 10.84
CA ILE A 381 -14.33 -0.58 11.87
C ILE A 381 -13.80 -1.94 12.31
N SER A 382 -14.72 -2.86 12.61
CA SER A 382 -14.34 -4.21 13.05
C SER A 382 -13.56 -4.95 11.96
N TYR A 383 -13.88 -4.67 10.70
CA TYR A 383 -13.14 -5.22 9.57
C TYR A 383 -11.71 -4.71 9.58
N VAL A 384 -11.56 -3.40 9.71
CA VAL A 384 -10.26 -2.75 9.70
C VAL A 384 -9.38 -3.31 10.81
N ILE A 385 -9.96 -3.49 11.99
CA ILE A 385 -9.24 -4.05 13.13
C ILE A 385 -8.72 -5.44 12.81
N GLY A 386 -9.59 -6.30 12.29
CA GLY A 386 -9.22 -7.67 11.97
C GLY A 386 -8.18 -7.79 10.88
N HIS A 387 -8.28 -6.91 9.88
CA HIS A 387 -7.35 -6.94 8.74
C HIS A 387 -5.98 -6.40 9.14
N ALA A 388 -5.96 -5.55 10.16
CA ALA A 388 -4.74 -4.86 10.57
C ALA A 388 -3.90 -5.71 11.51
N LEU A 389 -4.35 -6.93 11.80
CA LEU A 389 -3.59 -7.82 12.67
C LEU A 389 -2.89 -8.91 11.86
N GLY A 390 -3.65 -9.91 11.44
CA GLY A 390 -3.12 -10.97 10.60
C GLY A 390 -2.95 -10.74 9.10
N PRO A 391 -4.00 -10.28 8.42
CA PRO A 391 -3.95 -10.20 6.96
C PRO A 391 -2.97 -9.17 6.36
N SER A 392 -2.92 -7.96 6.90
CA SER A 392 -2.02 -6.95 6.31
C SER A 392 -0.51 -7.21 6.58
N PRO A 393 -0.09 -7.30 7.86
CA PRO A 393 1.36 -7.38 8.10
C PRO A 393 2.03 -8.72 7.76
N ILE A 394 1.35 -9.82 8.04
CA ILE A 394 1.99 -11.15 8.07
C ILE A 394 2.45 -11.71 6.71
N PRO A 395 1.61 -11.64 5.66
CA PRO A 395 2.02 -12.24 4.38
C PRO A 395 3.38 -11.79 3.86
N ALA A 396 3.67 -10.50 3.96
CA ALA A 396 4.96 -9.97 3.52
C ALA A 396 6.09 -10.56 4.34
N LEU A 397 5.83 -10.82 5.62
CA LEU A 397 6.81 -11.39 6.52
C LEU A 397 7.15 -12.84 6.18
N LEU A 398 6.11 -13.62 5.89
CA LEU A 398 6.26 -15.06 5.65
C LEU A 398 7.13 -15.38 4.43
N VAL A 399 7.06 -14.52 3.42
CA VAL A 399 7.82 -14.72 2.19
C VAL A 399 9.31 -14.66 2.47
N THR A 400 9.70 -13.77 3.38
CA THR A 400 11.10 -13.64 3.78
C THR A 400 11.57 -14.88 4.51
N GLU A 401 10.64 -15.51 5.24
CA GLU A 401 10.95 -16.66 6.08
C GLU A 401 10.98 -17.97 5.31
N ILE A 402 9.83 -18.34 4.75
CA ILE A 402 9.61 -19.69 4.22
C ILE A 402 10.41 -19.98 2.94
N PHE A 403 11.10 -18.97 2.41
CA PHE A 403 11.91 -19.18 1.22
C PHE A 403 13.40 -19.11 1.49
N LEU A 404 14.15 -20.01 0.86
CA LEU A 404 15.61 -20.01 0.97
C LEU A 404 16.21 -18.81 0.25
N GLN A 405 17.46 -18.48 0.60
CA GLN A 405 18.17 -17.33 0.03
C GLN A 405 18.17 -17.34 -1.50
N SER A 406 18.26 -18.53 -2.08
CA SER A 406 18.30 -18.68 -3.53
C SER A 406 16.99 -18.26 -4.17
N SER A 407 15.88 -18.74 -3.62
CA SER A 407 14.57 -18.52 -4.21
C SER A 407 13.88 -17.25 -3.68
N ARG A 408 14.54 -16.59 -2.71
CA ARG A 408 13.97 -15.39 -2.10
C ARG A 408 13.76 -14.21 -3.05
N PRO A 409 14.72 -13.91 -3.96
CA PRO A 409 14.45 -12.80 -4.87
C PRO A 409 13.30 -13.08 -5.83
N ALA A 410 13.19 -14.31 -6.33
CA ALA A 410 12.13 -14.68 -7.27
C ALA A 410 10.79 -14.80 -6.56
N ALA A 411 10.81 -15.24 -5.30
CA ALA A 411 9.59 -15.37 -4.52
C ALA A 411 8.97 -14.01 -4.26
N TYR A 412 9.82 -13.03 -3.94
CA TYR A 412 9.37 -11.66 -3.71
C TYR A 412 8.61 -11.11 -4.91
N MET A 413 9.12 -11.37 -6.11
CA MET A 413 8.53 -10.84 -7.33
C MET A 413 7.14 -11.44 -7.58
N VAL A 414 7.00 -12.73 -7.29
CA VAL A 414 5.72 -13.41 -7.44
C VAL A 414 4.70 -12.80 -6.48
N ALA A 415 5.09 -12.68 -5.22
CA ALA A 415 4.23 -12.09 -4.20
C ALA A 415 3.90 -10.63 -4.54
N GLY A 416 4.91 -9.90 -5.00
CA GLY A 416 4.73 -8.51 -5.35
C GLY A 416 3.77 -8.32 -6.52
N THR A 417 3.94 -9.12 -7.56
CA THR A 417 3.09 -9.04 -8.74
C THR A 417 1.65 -9.37 -8.39
N VAL A 418 1.45 -10.41 -7.58
CA VAL A 418 0.12 -10.80 -7.15
C VAL A 418 -0.50 -9.70 -6.30
N HIS A 419 0.31 -9.07 -5.45
CA HIS A 419 -0.19 -7.99 -4.58
C HIS A 419 -0.69 -6.78 -5.35
N TRP A 420 0.16 -6.24 -6.21
CA TRP A 420 -0.15 -5.02 -6.93
C TRP A 420 -1.31 -5.21 -7.91
N LEU A 421 -1.32 -6.34 -8.61
CA LEU A 421 -2.34 -6.59 -9.63
C LEU A 421 -3.68 -6.95 -9.00
N SER A 422 -3.65 -7.52 -7.80
CA SER A 422 -4.88 -7.74 -7.05
C SER A 422 -5.39 -6.41 -6.53
N ASN A 423 -4.45 -5.62 -6.02
CA ASN A 423 -4.72 -4.26 -5.58
C ASN A 423 -5.28 -3.43 -6.73
N PHE A 424 -4.75 -3.69 -7.92
CA PHE A 424 -5.20 -3.01 -9.13
C PHE A 424 -6.66 -3.31 -9.45
N THR A 425 -7.01 -4.59 -9.47
CA THR A 425 -8.33 -5.02 -9.89
C THR A 425 -9.43 -4.61 -8.91
N VAL A 426 -9.12 -4.67 -7.62
CA VAL A 426 -10.09 -4.29 -6.59
C VAL A 426 -10.36 -2.79 -6.66
N GLY A 427 -9.32 -2.01 -6.92
CA GLY A 427 -9.49 -0.58 -7.13
C GLY A 427 -10.25 -0.31 -8.41
N LEU A 428 -10.12 -1.21 -9.38
CA LEU A 428 -10.79 -1.07 -10.67
C LEU A 428 -12.27 -1.41 -10.65
N VAL A 429 -12.61 -2.59 -10.13
CA VAL A 429 -13.97 -3.12 -10.27
C VAL A 429 -14.95 -2.65 -9.20
N PHE A 430 -14.47 -2.20 -8.05
CA PHE A 430 -15.34 -1.93 -6.91
C PHE A 430 -16.45 -0.88 -7.14
N PRO A 431 -16.16 0.20 -7.90
CA PRO A 431 -17.30 1.10 -8.18
C PRO A 431 -18.42 0.38 -8.92
N PHE A 432 -18.04 -0.47 -9.86
CA PHE A 432 -19.00 -1.22 -10.66
C PHE A 432 -19.71 -2.30 -9.84
N ILE A 433 -19.06 -2.75 -8.78
CA ILE A 433 -19.65 -3.77 -7.91
C ILE A 433 -20.78 -3.18 -7.08
N GLN A 434 -20.52 -2.07 -6.40
CA GLN A 434 -21.55 -1.46 -5.55
C GLN A 434 -22.63 -0.78 -6.40
N VAL A 435 -22.32 -0.53 -7.66
CA VAL A 435 -23.32 -0.09 -8.62
C VAL A 435 -24.18 -1.28 -9.02
N GLY A 436 -23.51 -2.37 -9.39
CA GLY A 436 -24.21 -3.57 -9.82
C GLY A 436 -24.82 -4.42 -8.72
N LEU A 437 -24.06 -4.68 -7.67
CA LEU A 437 -24.53 -5.54 -6.59
C LEU A 437 -25.20 -4.77 -5.46
N GLY A 438 -25.08 -3.45 -5.49
CA GLY A 438 -25.74 -2.61 -4.49
C GLY A 438 -25.32 -2.92 -3.06
N ALA A 439 -26.30 -3.28 -2.24
CA ALA A 439 -26.06 -3.60 -0.84
C ALA A 439 -25.35 -4.95 -0.67
N TYR A 440 -25.20 -5.67 -1.78
CA TYR A 440 -24.53 -6.97 -1.77
C TYR A 440 -23.05 -6.86 -2.11
N SER A 441 -22.56 -5.63 -2.21
CA SER A 441 -21.19 -5.34 -2.66
C SER A 441 -20.10 -6.16 -1.96
N PHE A 442 -20.31 -6.45 -0.68
CA PHE A 442 -19.28 -7.10 0.14
C PHE A 442 -19.42 -8.62 0.18
N VAL A 443 -20.38 -9.17 -0.56
CA VAL A 443 -20.57 -10.60 -0.62
C VAL A 443 -19.35 -11.29 -1.26
N ILE A 444 -18.78 -10.65 -2.27
CA ILE A 444 -17.66 -11.21 -3.00
C ILE A 444 -16.39 -11.22 -2.14
N PHE A 445 -16.34 -10.33 -1.16
CA PHE A 445 -15.20 -10.27 -0.25
C PHE A 445 -15.28 -11.34 0.83
N ALA A 446 -16.50 -11.65 1.28
CA ALA A 446 -16.70 -12.70 2.27
C ALA A 446 -16.35 -14.07 1.69
N VAL A 447 -16.66 -14.25 0.41
CA VAL A 447 -16.31 -15.48 -0.29
C VAL A 447 -14.79 -15.63 -0.33
N ILE A 448 -14.09 -14.51 -0.52
CA ILE A 448 -12.64 -14.51 -0.54
C ILE A 448 -12.09 -14.84 0.85
N CYS A 449 -12.59 -14.13 1.87
CA CYS A 449 -12.15 -14.34 3.24
C CYS A 449 -12.37 -15.78 3.69
N LEU A 450 -13.49 -16.36 3.28
CA LEU A 450 -13.82 -17.74 3.61
C LEU A 450 -12.83 -18.71 2.95
N LEU A 451 -12.61 -18.53 1.64
CA LEU A 451 -11.71 -19.39 0.89
C LEU A 451 -10.28 -19.29 1.39
N THR A 452 -9.86 -18.07 1.74
CA THR A 452 -8.52 -17.84 2.26
C THR A 452 -8.35 -18.46 3.64
N THR A 453 -9.36 -18.30 4.49
CA THR A 453 -9.33 -18.82 5.85
C THR A 453 -9.26 -20.36 5.85
N VAL A 454 -9.88 -20.97 4.84
CA VAL A 454 -9.84 -22.41 4.70
C VAL A 454 -8.43 -22.87 4.33
N TYR A 455 -7.80 -22.16 3.40
CA TYR A 455 -6.47 -22.52 2.93
C TYR A 455 -5.42 -22.35 4.02
N ILE A 456 -5.44 -21.21 4.70
CA ILE A 456 -4.46 -20.91 5.74
C ILE A 456 -4.72 -21.76 6.98
N PHE A 457 -5.84 -22.48 6.99
CA PHE A 457 -6.14 -23.44 8.04
C PHE A 457 -5.61 -24.82 7.68
N LEU A 458 -6.13 -25.38 6.59
CA LEU A 458 -5.76 -26.72 6.14
C LEU A 458 -4.27 -26.87 5.86
N ILE A 459 -3.71 -25.94 5.09
CA ILE A 459 -2.35 -26.09 4.59
C ILE A 459 -1.31 -25.42 5.50
N ILE A 460 -1.38 -24.10 5.61
CA ILE A 460 -0.32 -23.32 6.25
C ILE A 460 -0.22 -23.56 7.75
N PRO A 461 0.91 -24.11 8.21
CA PRO A 461 1.27 -24.23 9.62
C PRO A 461 2.05 -23.01 10.10
N GLU A 462 2.54 -23.03 11.33
CA GLU A 462 3.36 -21.94 11.84
C GLU A 462 4.71 -21.92 11.13
#